data_4NOV
#
_entry.id   4NOV
#
_cell.length_a   59.100
_cell.length_b   76.520
_cell.length_c   82.520
_cell.angle_alpha   90.00
_cell.angle_beta   90.00
_cell.angle_gamma   90.00
#
_symmetry.space_group_name_H-M   'P 21 21 21'
#
loop_
_entity.id
_entity.type
_entity.pdbx_description
1 polymer 'Xylosidase/arabinofuranosidase Xsa43E'
2 non-polymer 'CALCIUM ION'
3 non-polymer 2-AMINO-2-HYDROXYMETHYL-PROPANE-1,3-DIOL
4 water water
#
_entity_poly.entity_id   1
_entity_poly.type   'polypeptide(L)'
_entity_poly.pdbx_seq_one_letter_code
;(MSE)SYYHHHHHHLESTSLYKKAGFENLYFQGSGA(MSE)TET(MSE)TEEKTFHKNPIIKDIYTADPAP(MSE)VYGD
TLYLYTTHDEDELVNDFYT(MSE)NDWRCFSTKD(MSE)VNWTDHGAIFSLDDIGWADARAWAPQAVERNGKFYLYCPVH
KRNGG(MSE)AIAVGISDSPTGPFKDLGYPLVDEGDWNDIDPTVFIDDDGQAYLYFGNPELRYVLLNEN(MSE)ITYDKE
VGIVKVP(MSE)TEEAFAKGSHDTGTSYGEGPWFYKRNDLYY(MSE)VYAAFGVGKQNEHLAYSTSDSPTGPWKYGGVL
(MSE)TEEGGVFTNHPGIADFKGHSYLFYHTGDLPGGSLFHRSVCVAEFTYNEDGTINPIPKCDGVEKIN
;
_entity_poly.pdbx_strand_id   A
#
loop_
_chem_comp.id
_chem_comp.type
_chem_comp.name
_chem_comp.formula
CA non-polymer 'CALCIUM ION' 'Ca 2'
TRS non-polymer 2-AMINO-2-HYDROXYMETHYL-PROPANE-1,3-DIOL 'C4 H12 N O3 1'
#
# COMPACT_ATOMS: atom_id res chain seq x y z
N GLU A 40 -5.51 -30.14 -11.58
CA GLU A 40 -4.64 -28.97 -11.24
C GLU A 40 -5.40 -27.64 -11.35
N LYS A 41 -5.39 -26.87 -10.26
CA LYS A 41 -6.02 -25.54 -10.26
C LYS A 41 -5.14 -24.58 -11.05
N THR A 42 -5.72 -23.92 -12.06
CA THR A 42 -4.94 -23.02 -12.90
C THR A 42 -5.50 -21.60 -12.97
N PHE A 43 -6.55 -21.35 -12.20
CA PHE A 43 -7.18 -20.03 -12.14
C PHE A 43 -7.67 -19.79 -10.72
N HIS A 44 -7.65 -18.53 -10.29
CA HIS A 44 -8.22 -18.18 -9.00
C HIS A 44 -9.09 -16.95 -9.16
N LYS A 45 -10.37 -17.11 -8.83
CA LYS A 45 -11.34 -16.03 -9.01
C LYS A 45 -11.35 -15.05 -7.82
N ASN A 46 -11.26 -13.76 -8.13
CA ASN A 46 -11.35 -12.70 -7.12
C ASN A 46 -12.68 -12.78 -6.39
N PRO A 47 -12.72 -12.31 -5.13
CA PRO A 47 -11.58 -11.77 -4.42
CA PRO A 47 -11.60 -11.77 -4.37
C PRO A 47 -10.63 -12.87 -3.96
N ILE A 48 -9.38 -12.52 -3.69
CA ILE A 48 -8.37 -13.51 -3.33
C ILE A 48 -8.75 -14.39 -2.13
N ILE A 49 -9.18 -13.77 -1.03
CA ILE A 49 -9.45 -14.46 0.21
C ILE A 49 -10.93 -14.26 0.52
N LYS A 50 -11.63 -15.33 0.86
CA LYS A 50 -13.08 -15.23 0.93
C LYS A 50 -13.71 -15.38 2.30
N ASP A 51 -12.90 -15.68 3.32
CA ASP A 51 -13.43 -15.94 4.65
C ASP A 51 -13.15 -14.83 5.67
N ILE A 52 -12.67 -13.70 5.17
CA ILE A 52 -12.22 -12.60 6.01
C ILE A 52 -12.27 -11.35 5.14
N TYR A 53 -12.56 -10.20 5.74
CA TYR A 53 -12.59 -8.94 4.97
C TYR A 53 -11.22 -8.26 5.07
N THR A 54 -10.65 -7.96 3.91
CA THR A 54 -9.31 -7.38 3.85
C THR A 54 -9.28 -6.17 2.92
N ALA A 55 -8.28 -5.30 3.12
CA ALA A 55 -8.17 -4.09 2.31
C ALA A 55 -6.71 -3.64 2.19
N ASP A 56 -6.49 -2.62 1.36
CA ASP A 56 -5.23 -1.89 1.37
C ASP A 56 -4.04 -2.81 1.12
N PRO A 57 -4.10 -3.57 0.01
CA PRO A 57 -3.11 -4.62 -0.23
C PRO A 57 -1.71 -4.10 -0.53
N ALA A 58 -0.70 -4.80 0.02
CA ALA A 58 0.70 -4.44 -0.18
C ALA A 58 1.51 -5.71 -0.44
N PRO A 59 1.73 -6.02 -1.73
CA PRO A 59 2.50 -7.22 -2.06
C PRO A 59 3.99 -7.02 -1.89
N MSE A 60 4.69 -8.05 -1.44
CA MSE A 60 6.14 -8.08 -1.38
C MSE A 60 6.58 -9.43 -1.91
O MSE A 60 6.19 -10.46 -1.39
CB MSE A 60 6.62 -7.95 0.06
CG MSE A 60 8.15 -8.00 0.19
SE MSE A 60 8.78 -8.30 2.01
CE MSE A 60 8.15 -10.13 2.24
N VAL A 61 7.39 -9.43 -2.96
CA VAL A 61 7.97 -10.68 -3.44
C VAL A 61 9.33 -10.88 -2.78
N TYR A 62 9.54 -12.04 -2.18
CA TYR A 62 10.86 -12.37 -1.68
C TYR A 62 11.17 -13.79 -2.12
N GLY A 63 12.20 -13.91 -2.96
CA GLY A 63 12.57 -15.20 -3.53
C GLY A 63 11.45 -15.76 -4.38
N ASP A 64 11.00 -16.97 -4.05
CA ASP A 64 10.03 -17.69 -4.85
C ASP A 64 8.59 -17.44 -4.45
N THR A 65 8.36 -16.51 -3.52
CA THR A 65 7.06 -16.38 -2.87
C THR A 65 6.62 -14.92 -2.90
N LEU A 66 5.35 -14.71 -3.18
CA LEU A 66 4.72 -13.40 -3.02
C LEU A 66 3.94 -13.38 -1.72
N TYR A 67 4.22 -12.38 -0.89
CA TYR A 67 3.55 -12.16 0.40
C TYR A 67 2.66 -10.94 0.29
N LEU A 68 1.40 -11.11 0.60
CA LEU A 68 0.40 -10.04 0.47
C LEU A 68 -0.04 -9.59 1.85
N TYR A 69 0.33 -8.36 2.21
CA TYR A 69 -0.02 -7.81 3.51
C TYR A 69 -1.25 -6.95 3.35
N THR A 70 -2.16 -7.03 4.30
CA THR A 70 -3.43 -6.28 4.20
C THR A 70 -3.86 -5.76 5.55
N THR A 71 -4.77 -4.79 5.50
CA THR A 71 -5.51 -4.46 6.69
C THR A 71 -6.68 -5.45 6.81
N HIS A 72 -7.44 -5.32 7.89
CA HIS A 72 -8.44 -6.31 8.25
C HIS A 72 -9.68 -5.61 8.78
N ASP A 73 -10.76 -5.67 8.01
CA ASP A 73 -12.05 -5.11 8.43
C ASP A 73 -12.73 -6.15 9.31
N GLU A 74 -12.91 -5.86 10.59
CA GLU A 74 -13.50 -6.86 11.50
C GLU A 74 -14.90 -7.28 11.08
N ASP A 75 -15.21 -8.56 11.25
CA ASP A 75 -16.55 -9.08 10.94
C ASP A 75 -17.61 -8.31 11.73
N GLU A 76 -17.34 -8.07 13.01
CA GLU A 76 -18.23 -7.30 13.87
C GLU A 76 -17.75 -5.88 13.93
N LEU A 77 -18.46 -4.99 13.26
CA LEU A 77 -18.09 -3.58 13.28
C LEU A 77 -18.45 -2.94 14.62
N VAL A 78 -17.62 -2.01 15.05
CA VAL A 78 -17.88 -1.18 16.21
C VAL A 78 -18.48 0.14 15.74
N ASN A 79 -19.63 0.51 16.32
CA ASN A 79 -20.35 1.70 15.87
C ASN A 79 -20.65 1.75 14.37
N ASP A 80 -20.85 0.60 13.74
CA ASP A 80 -21.31 0.57 12.36
C ASP A 80 -20.32 1.28 11.42
N PHE A 81 -19.04 1.27 11.78
CA PHE A 81 -18.03 2.05 11.06
C PHE A 81 -16.73 1.23 10.93
N TYR A 82 -15.76 1.71 10.17
CA TYR A 82 -14.48 0.98 10.03
C TYR A 82 -13.98 0.49 11.37
N THR A 83 -13.58 -0.77 11.41
CA THR A 83 -13.11 -1.41 12.62
C THR A 83 -11.87 -2.22 12.29
N MSE A 84 -10.72 -1.66 12.63
CA MSE A 84 -9.42 -2.10 12.08
C MSE A 84 -8.39 -2.19 13.18
O MSE A 84 -7.94 -1.15 13.69
CB MSE A 84 -8.97 -1.14 10.97
CG MSE A 84 -10.05 -0.96 9.87
SE MSE A 84 -9.59 0.40 8.55
CE MSE A 84 -8.20 -0.63 7.74
N ASN A 85 -8.01 -3.42 13.55
CA ASN A 85 -7.18 -3.71 14.71
C ASN A 85 -5.85 -4.42 14.40
N ASP A 86 -5.80 -5.19 13.32
CA ASP A 86 -4.61 -5.99 13.05
C ASP A 86 -4.30 -6.08 11.57
N TRP A 87 -3.15 -6.67 11.26
CA TRP A 87 -2.70 -6.79 9.89
C TRP A 87 -2.52 -8.26 9.56
N ARG A 88 -2.78 -8.58 8.31
CA ARG A 88 -2.80 -9.97 7.85
C ARG A 88 -1.79 -10.19 6.75
N CYS A 89 -1.39 -11.45 6.56
CA CYS A 89 -0.49 -11.81 5.46
C CYS A 89 -0.94 -13.12 4.81
N PHE A 90 -0.98 -13.10 3.48
CA PHE A 90 -1.37 -14.27 2.67
C PHE A 90 -0.25 -14.45 1.66
N SER A 91 0.21 -15.68 1.48
CA SER A 91 1.33 -15.89 0.57
C SER A 91 0.99 -16.89 -0.53
N THR A 92 1.70 -16.76 -1.64
CA THR A 92 1.51 -17.68 -2.77
C THR A 92 2.81 -17.89 -3.53
N LYS A 93 2.94 -19.07 -4.13
CA LYS A 93 4.07 -19.37 -4.99
C LYS A 93 3.66 -19.37 -6.45
N ASP A 94 2.37 -19.23 -6.72
CA ASP A 94 1.88 -19.46 -8.08
C ASP A 94 0.68 -18.60 -8.49
N MSE A 95 0.25 -17.70 -7.61
CA MSE A 95 -0.88 -16.79 -7.84
C MSE A 95 -2.28 -17.39 -7.81
O MSE A 95 -3.26 -16.69 -8.03
CB MSE A 95 -0.70 -15.95 -9.11
CG MSE A 95 0.47 -15.01 -9.02
SE MSE A 95 0.38 -13.68 -7.59
CE MSE A 95 -1.21 -12.73 -8.16
N VAL A 96 -2.39 -18.69 -7.54
CA VAL A 96 -3.71 -19.31 -7.44
C VAL A 96 -3.94 -20.08 -6.16
N ASN A 97 -2.86 -20.57 -5.55
CA ASN A 97 -2.95 -21.23 -4.25
C ASN A 97 -2.40 -20.31 -3.17
N TRP A 98 -3.27 -19.91 -2.24
CA TRP A 98 -2.90 -18.95 -1.19
C TRP A 98 -2.87 -19.58 0.18
N THR A 99 -1.86 -19.23 0.97
CA THR A 99 -1.73 -19.67 2.36
C THR A 99 -2.02 -18.49 3.30
N ASP A 100 -2.88 -18.73 4.28
CA ASP A 100 -3.29 -17.69 5.24
C ASP A 100 -2.43 -17.78 6.48
N HIS A 101 -1.65 -16.74 6.77
CA HIS A 101 -0.78 -16.72 7.93
C HIS A 101 -1.38 -16.03 9.14
N GLY A 102 -2.65 -15.61 9.01
CA GLY A 102 -3.33 -14.94 10.11
C GLY A 102 -2.77 -13.57 10.44
N ALA A 103 -3.01 -13.12 11.67
CA ALA A 103 -2.51 -11.83 12.14
C ALA A 103 -1.02 -11.91 12.34
N ILE A 104 -0.28 -11.01 11.69
CA ILE A 104 1.16 -11.00 11.84
C ILE A 104 1.66 -9.84 12.70
N PHE A 105 0.75 -8.95 13.08
CA PHE A 105 1.06 -7.75 13.87
C PHE A 105 -0.29 -7.12 14.20
N SER A 106 -0.36 -6.30 15.25
CA SER A 106 -1.62 -5.73 15.70
C SER A 106 -1.37 -4.49 16.54
N LEU A 107 -2.41 -3.69 16.73
CA LEU A 107 -2.29 -2.53 17.60
C LEU A 107 -1.86 -2.93 19.00
N ASP A 108 -2.32 -4.08 19.48
CA ASP A 108 -1.96 -4.49 20.84
C ASP A 108 -0.48 -4.81 20.97
N ASP A 109 0.21 -4.99 19.84
CA ASP A 109 1.66 -5.20 19.88
C ASP A 109 2.44 -3.90 19.94
N ILE A 110 1.75 -2.78 19.76
CA ILE A 110 2.39 -1.48 19.72
C ILE A 110 2.00 -0.72 20.97
N GLY A 111 2.96 -0.57 21.90
CA GLY A 111 2.63 -0.06 23.24
C GLY A 111 2.06 1.34 23.24
N TRP A 112 2.48 2.14 22.26
CA TRP A 112 2.19 3.57 22.24
C TRP A 112 1.01 3.96 21.33
N ALA A 113 0.42 2.97 20.66
CA ALA A 113 -0.68 3.22 19.70
C ALA A 113 -1.99 2.64 20.20
N ASP A 114 -3.09 3.33 19.96
CA ASP A 114 -4.39 2.90 20.49
C ASP A 114 -5.50 2.60 19.46
N ALA A 115 -5.30 2.97 18.20
CA ALA A 115 -6.37 2.89 17.22
C ALA A 115 -5.82 2.96 15.82
N ARG A 116 -6.65 2.55 14.86
CA ARG A 116 -6.42 2.74 13.41
C ARG A 116 -5.28 1.88 12.87
N ALA A 117 -5.54 0.59 12.68
CA ALA A 117 -4.54 -0.29 12.07
C ALA A 117 -4.67 -0.13 10.55
N TRP A 118 -3.99 0.89 10.02
CA TRP A 118 -4.21 1.36 8.64
C TRP A 118 -3.17 0.79 7.67
N ALA A 119 -3.25 1.20 6.41
CA ALA A 119 -2.57 0.51 5.30
C ALA A 119 -1.06 0.37 5.47
N PRO A 120 -0.55 -0.87 5.51
CA PRO A 120 0.90 -1.09 5.77
C PRO A 120 1.70 -1.44 4.52
N GLN A 121 3.02 -1.48 4.65
CA GLN A 121 3.83 -2.13 3.60
C GLN A 121 5.03 -2.79 4.26
N ALA A 122 5.39 -3.99 3.80
CA ALA A 122 6.60 -4.68 4.26
C ALA A 122 7.73 -4.64 3.24
N VAL A 123 8.95 -4.78 3.72
CA VAL A 123 10.11 -4.84 2.85
C VAL A 123 11.17 -5.73 3.51
N GLU A 124 12.00 -6.35 2.70
CA GLU A 124 13.11 -7.16 3.20
C GLU A 124 14.41 -6.39 3.03
N ARG A 125 15.31 -6.49 4.01
CA ARG A 125 16.66 -5.99 3.83
C ARG A 125 17.61 -6.68 4.79
N ASN A 126 18.73 -7.14 4.25
CA ASN A 126 19.79 -7.73 5.06
C ASN A 126 19.31 -8.83 5.99
N GLY A 127 18.41 -9.68 5.50
CA GLY A 127 17.95 -10.81 6.29
C GLY A 127 16.87 -10.54 7.32
N LYS A 128 16.30 -9.34 7.29
CA LYS A 128 15.22 -8.98 8.19
C LYS A 128 14.05 -8.42 7.40
N PHE A 129 12.88 -8.42 8.02
CA PHE A 129 11.67 -7.94 7.36
C PHE A 129 11.09 -6.84 8.23
N TYR A 130 10.71 -5.75 7.56
CA TYR A 130 10.25 -4.55 8.24
C TYR A 130 8.85 -4.25 7.76
N LEU A 131 7.94 -4.00 8.70
CA LEU A 131 6.54 -3.73 8.39
C LEU A 131 6.20 -2.32 8.84
N TYR A 132 5.96 -1.41 7.90
CA TYR A 132 5.67 0.00 8.21
C TYR A 132 4.17 0.17 8.34
N CYS A 133 3.71 0.68 9.48
CA CYS A 133 2.28 0.68 9.81
C CYS A 133 1.84 2.07 10.25
N PRO A 134 0.87 2.66 9.58
CA PRO A 134 0.31 3.93 10.03
C PRO A 134 -0.72 3.65 11.12
N VAL A 135 -0.60 4.34 12.25
CA VAL A 135 -1.45 4.10 13.43
C VAL A 135 -1.73 5.43 14.14
N HIS A 136 -2.75 5.42 15.00
CA HIS A 136 -2.94 6.55 15.88
C HIS A 136 -2.09 6.41 17.13
N LYS A 137 -1.24 7.39 17.38
CA LYS A 137 -0.45 7.42 18.60
C LYS A 137 -1.33 7.86 19.76
N ARG A 138 -1.33 7.09 20.84
CA ARG A 138 -2.19 7.43 21.99
C ARG A 138 -1.88 8.86 22.46
N ASN A 139 -2.93 9.64 22.64
CA ASN A 139 -2.78 11.06 23.05
C ASN A 139 -2.03 11.95 22.05
N GLY A 140 -1.79 11.43 20.84
CA GLY A 140 -1.11 12.21 19.81
C GLY A 140 -1.85 12.22 18.47
N GLY A 141 -1.09 12.29 17.39
CA GLY A 141 -1.66 12.29 16.04
C GLY A 141 -1.42 10.97 15.33
N MSE A 142 -1.33 11.03 14.02
CA MSE A 142 -1.03 9.83 13.24
C MSE A 142 0.49 9.69 13.15
O MSE A 142 1.18 10.67 12.91
CB MSE A 142 -1.63 9.94 11.84
CG MSE A 142 -3.15 10.02 11.84
SE MSE A 142 -4.06 8.54 12.74
CE MSE A 142 -3.53 7.08 11.57
N ALA A 143 0.97 8.48 13.33
CA ALA A 143 2.41 8.20 13.33
C ALA A 143 2.66 6.93 12.54
N ILE A 144 3.91 6.68 12.20
CA ILE A 144 4.27 5.45 11.51
C ILE A 144 5.10 4.58 12.44
N ALA A 145 4.59 3.37 12.70
CA ALA A 145 5.30 2.36 13.43
C ALA A 145 6.14 1.51 12.48
N VAL A 146 7.22 0.95 13.00
CA VAL A 146 7.94 -0.11 12.26
C VAL A 146 8.04 -1.37 13.12
N GLY A 147 7.52 -2.46 12.60
CA GLY A 147 7.69 -3.77 13.20
C GLY A 147 8.80 -4.51 12.48
N ILE A 148 9.55 -5.33 13.22
CA ILE A 148 10.70 -6.04 12.70
C ILE A 148 10.56 -7.53 12.98
N SER A 149 10.93 -8.37 12.00
CA SER A 149 10.92 -9.81 12.22
C SER A 149 12.01 -10.46 11.39
N ASP A 150 12.46 -11.64 11.81
CA ASP A 150 13.36 -12.43 10.97
CA ASP A 150 13.36 -12.44 10.99
C ASP A 150 12.59 -13.25 9.95
N SER A 151 11.26 -13.18 9.99
CA SER A 151 10.41 -13.93 9.07
C SER A 151 9.42 -12.99 8.38
N PRO A 152 9.10 -13.24 7.10
CA PRO A 152 8.13 -12.37 6.42
C PRO A 152 6.75 -12.52 7.02
N THR A 153 6.51 -13.61 7.72
CA THR A 153 5.19 -13.83 8.29
C THR A 153 5.17 -13.60 9.81
N GLY A 154 6.19 -12.89 10.31
CA GLY A 154 6.22 -12.48 11.72
C GLY A 154 6.48 -13.60 12.70
N PRO A 155 6.05 -13.42 13.96
CA PRO A 155 5.38 -12.23 14.48
CA PRO A 155 5.37 -12.23 14.47
C PRO A 155 6.29 -11.02 14.45
N PHE A 156 5.76 -9.87 14.08
CA PHE A 156 6.56 -8.66 14.06
C PHE A 156 6.62 -8.04 15.44
N LYS A 157 7.78 -7.44 15.75
CA LYS A 157 7.99 -6.74 17.03
CA LYS A 157 7.97 -6.74 17.02
C LYS A 157 8.13 -5.25 16.78
N ASP A 158 7.31 -4.46 17.47
CA ASP A 158 7.41 -3.03 17.34
C ASP A 158 8.76 -2.51 17.83
N LEU A 159 9.26 -1.47 17.17
CA LEU A 159 10.50 -0.79 17.58
C LEU A 159 10.48 -0.36 19.02
N GLY A 160 9.32 0.08 19.50
CA GLY A 160 9.16 0.55 20.87
C GLY A 160 8.68 1.99 20.94
N TYR A 161 8.87 2.72 19.84
CA TYR A 161 8.45 4.11 19.76
C TYR A 161 8.24 4.39 18.25
N PRO A 162 7.55 5.47 17.90
CA PRO A 162 7.28 5.68 16.48
CA PRO A 162 7.27 5.70 16.47
C PRO A 162 8.51 6.00 15.64
N LEU A 163 8.50 5.51 14.41
CA LEU A 163 9.54 5.88 13.46
C LEU A 163 9.33 7.31 12.96
N VAL A 164 8.09 7.64 12.57
CA VAL A 164 7.77 9.00 12.13
C VAL A 164 6.63 9.49 13.01
N ASP A 165 6.78 10.69 13.55
CA ASP A 165 5.80 11.24 14.49
C ASP A 165 5.84 12.77 14.48
N GLU A 166 5.14 13.37 13.53
CA GLU A 166 5.19 14.82 13.34
C GLU A 166 4.22 15.57 14.25
N GLY A 167 3.26 14.87 14.84
CA GLY A 167 2.27 15.51 15.70
C GLY A 167 0.98 15.87 15.01
N ASP A 168 0.93 15.76 13.68
CA ASP A 168 -0.26 16.09 12.91
C ASP A 168 -0.96 14.79 12.50
N TRP A 169 -1.89 14.88 11.55
CA TRP A 169 -2.68 13.70 11.18
C TRP A 169 -2.47 13.27 9.73
N ASN A 170 -1.46 13.84 9.08
CA ASN A 170 -1.23 13.64 7.65
C ASN A 170 -0.58 12.32 7.28
N ASP A 171 0.32 11.79 8.13
CA ASP A 171 1.32 10.79 7.66
C ASP A 171 0.87 9.32 7.65
N ILE A 172 -0.14 9.04 6.84
CA ILE A 172 -0.70 7.70 6.76
C ILE A 172 -0.19 6.98 5.52
N ASP A 173 -0.49 5.68 5.46
CA ASP A 173 -0.34 4.91 4.21
C ASP A 173 1.10 4.89 3.67
N PRO A 174 2.06 4.47 4.49
CA PRO A 174 3.45 4.49 4.03
C PRO A 174 3.72 3.54 2.87
N THR A 175 4.69 3.90 2.05
CA THR A 175 5.22 3.01 1.03
C THR A 175 6.74 3.12 1.07
N VAL A 176 7.43 2.02 0.87
CA VAL A 176 8.87 1.96 1.00
CA VAL A 176 8.88 1.97 1.00
C VAL A 176 9.48 1.33 -0.23
N PHE A 177 10.63 1.84 -0.67
CA PHE A 177 11.35 1.23 -1.80
C PHE A 177 12.83 1.43 -1.60
N ILE A 178 13.63 0.39 -1.88
CA ILE A 178 15.08 0.49 -1.78
C ILE A 178 15.64 0.65 -3.20
N ASP A 179 16.24 1.80 -3.47
CA ASP A 179 16.70 2.12 -4.83
C ASP A 179 17.99 1.38 -5.14
N ASP A 180 18.38 1.43 -6.42
CA ASP A 180 19.54 0.69 -6.94
CA ASP A 180 19.54 0.69 -6.94
C ASP A 180 20.86 1.10 -6.28
N ASP A 181 20.94 2.36 -5.83
CA ASP A 181 22.14 2.90 -5.20
C ASP A 181 22.19 2.61 -3.71
N GLY A 182 21.21 1.85 -3.22
CA GLY A 182 21.16 1.51 -1.80
C GLY A 182 20.37 2.47 -0.92
N GLN A 183 19.89 3.56 -1.48
CA GLN A 183 19.09 4.49 -0.67
C GLN A 183 17.64 4.04 -0.61
N ALA A 184 17.14 3.83 0.60
CA ALA A 184 15.72 3.53 0.81
C ALA A 184 14.92 4.81 1.05
N TYR A 185 13.69 4.83 0.54
CA TYR A 185 12.80 5.99 0.69
C TYR A 185 11.49 5.51 1.29
N LEU A 186 10.90 6.35 2.13
CA LEU A 186 9.61 6.05 2.75
C LEU A 186 8.72 7.25 2.44
N TYR A 187 7.69 7.03 1.62
CA TYR A 187 6.71 8.07 1.31
C TYR A 187 5.42 7.81 2.07
N PHE A 188 4.63 8.86 2.27
CA PHE A 188 3.39 8.75 3.03
C PHE A 188 2.57 10.01 2.89
N GLY A 189 1.28 9.96 3.25
CA GLY A 189 0.53 11.21 3.39
C GLY A 189 -0.86 11.27 2.79
N ASN A 190 -1.73 11.99 3.49
CA ASN A 190 -3.07 12.33 3.01
C ASN A 190 -3.42 13.56 3.82
N PRO A 191 -3.56 14.74 3.18
CA PRO A 191 -3.64 14.97 1.75
C PRO A 191 -2.34 15.37 1.08
N GLU A 192 -1.26 15.46 1.87
CA GLU A 192 0.02 15.92 1.32
C GLU A 192 1.03 14.78 1.29
N LEU A 193 1.58 14.55 0.09
CA LEU A 193 2.63 13.54 -0.06
C LEU A 193 3.95 14.08 0.54
N ARG A 194 4.59 13.24 1.37
CA ARG A 194 5.85 13.59 2.04
C ARG A 194 6.73 12.35 2.03
N TYR A 195 8.03 12.54 2.27
CA TYR A 195 8.93 11.40 2.38
C TYR A 195 10.09 11.65 3.34
N VAL A 196 10.70 10.54 3.74
CA VAL A 196 12.00 10.59 4.40
C VAL A 196 12.96 9.65 3.70
N LEU A 197 14.26 9.87 3.94
CA LEU A 197 15.29 8.94 3.50
C LEU A 197 15.59 7.97 4.63
N LEU A 198 15.20 6.71 4.47
CA LEU A 198 15.48 5.68 5.49
C LEU A 198 16.92 5.28 5.48
N ASN A 199 17.48 5.09 6.66
CA ASN A 199 18.83 4.58 6.76
C ASN A 199 18.90 3.08 6.51
N GLU A 200 20.11 2.55 6.34
CA GLU A 200 20.26 1.15 5.99
C GLU A 200 19.63 0.19 7.00
N ASN A 201 19.60 0.59 8.27
CA ASN A 201 19.00 -0.27 9.30
C ASN A 201 17.47 -0.30 9.28
N MSE A 202 16.88 0.57 8.46
CA MSE A 202 15.45 0.59 8.17
C MSE A 202 14.55 0.96 9.34
O MSE A 202 13.32 0.97 9.21
CB MSE A 202 15.01 -0.74 7.52
CG MSE A 202 15.82 -1.09 6.26
SE MSE A 202 15.52 0.27 4.84
CE MSE A 202 13.91 -0.49 4.08
N ILE A 203 15.16 1.35 10.45
CA ILE A 203 14.42 1.70 11.67
C ILE A 203 14.76 3.11 12.14
N THR A 204 15.48 3.85 11.29
CA THR A 204 15.83 5.24 11.52
C THR A 204 15.81 5.95 10.16
N TYR A 205 15.68 7.28 10.18
CA TYR A 205 15.76 8.05 8.94
C TYR A 205 16.69 9.24 9.10
N ASP A 206 17.07 9.83 7.97
CA ASP A 206 18.02 10.96 7.96
C ASP A 206 17.33 12.21 8.51
N LYS A 207 17.74 12.64 9.69
CA LYS A 207 17.08 13.75 10.38
C LYS A 207 17.53 15.11 9.86
N GLU A 208 18.69 15.15 9.19
CA GLU A 208 19.18 16.41 8.60
C GLU A 208 18.34 16.77 7.37
N VAL A 209 18.12 15.79 6.50
CA VAL A 209 17.16 15.99 5.42
C VAL A 209 15.75 16.13 6.00
N GLY A 210 15.41 15.29 6.97
CA GLY A 210 14.12 15.39 7.63
C GLY A 210 12.98 14.92 6.76
N ILE A 211 11.79 15.41 7.09
CA ILE A 211 10.60 15.05 6.33
C ILE A 211 10.45 16.08 5.24
N VAL A 212 10.40 15.61 4.00
CA VAL A 212 10.33 16.48 2.84
C VAL A 212 8.93 16.49 2.24
N LYS A 213 8.38 17.67 1.99
CA LYS A 213 7.09 17.78 1.33
C LYS A 213 7.25 17.74 -0.19
N VAL A 214 6.35 17.06 -0.88
CA VAL A 214 6.28 17.08 -2.33
C VAL A 214 5.40 18.26 -2.76
N PRO A 215 5.85 19.06 -3.77
CA PRO A 215 4.94 20.10 -4.26
C PRO A 215 3.64 19.51 -4.80
N MSE A 216 2.50 20.01 -4.33
CA MSE A 216 1.22 19.42 -4.70
C MSE A 216 0.60 20.20 -5.86
O MSE A 216 -0.26 21.05 -5.65
CB MSE A 216 0.29 19.37 -3.49
CG MSE A 216 0.86 18.54 -2.30
SE MSE A 216 1.44 16.73 -2.77
CE MSE A 216 -0.25 15.99 -3.34
N THR A 217 1.06 19.89 -7.07
CA THR A 217 0.68 20.64 -8.27
C THR A 217 -0.18 19.83 -9.22
N GLU A 218 -0.90 20.52 -10.09
CA GLU A 218 -1.64 19.87 -11.15
C GLU A 218 -0.71 19.16 -12.13
N GLU A 219 0.48 19.73 -12.33
CA GLU A 219 1.46 19.12 -13.19
C GLU A 219 1.82 17.72 -12.71
N ALA A 220 1.94 17.57 -11.40
CA ALA A 220 2.31 16.29 -10.81
C ALA A 220 1.14 15.35 -10.60
N PHE A 221 -0.01 15.89 -10.18
CA PHE A 221 -1.10 15.05 -9.68
C PHE A 221 -2.47 15.33 -10.30
N ALA A 222 -2.50 16.15 -11.36
CA ALA A 222 -3.73 16.55 -12.06
C ALA A 222 -4.64 17.42 -11.19
N LYS A 223 -5.62 18.08 -11.80
CA LYS A 223 -6.68 18.73 -11.05
C LYS A 223 -7.53 17.65 -10.41
N GLY A 224 -8.08 17.93 -9.24
CA GLY A 224 -8.96 16.97 -8.58
C GLY A 224 -9.68 17.59 -7.42
N SER A 225 -10.44 16.77 -6.71
CA SER A 225 -11.31 17.25 -5.65
C SER A 225 -10.76 17.07 -4.24
N HIS A 226 -9.52 16.60 -4.10
CA HIS A 226 -8.98 16.46 -2.75
C HIS A 226 -8.49 17.80 -2.19
N ASP A 227 -8.02 17.78 -0.94
CA ASP A 227 -7.79 19.01 -0.18
C ASP A 227 -6.83 19.99 -0.85
N THR A 228 -5.85 19.47 -1.60
CA THR A 228 -4.84 20.28 -2.28
C THR A 228 -5.32 20.87 -3.61
N GLY A 229 -6.52 20.49 -4.04
CA GLY A 229 -6.99 20.88 -5.37
C GLY A 229 -6.44 20.01 -6.49
N THR A 230 -5.67 18.99 -6.13
CA THR A 230 -5.19 18.01 -7.09
C THR A 230 -5.95 16.71 -6.90
N SER A 231 -5.66 15.72 -7.74
CA SER A 231 -6.33 14.44 -7.59
C SER A 231 -5.66 13.54 -6.56
N TYR A 232 -4.47 13.90 -6.08
CA TYR A 232 -3.78 13.03 -5.11
C TYR A 232 -4.65 12.85 -3.87
N GLY A 233 -4.87 11.60 -3.46
CA GLY A 233 -5.71 11.28 -2.30
C GLY A 233 -4.95 10.70 -1.12
N GLU A 234 -4.52 9.45 -1.29
CA GLU A 234 -3.79 8.71 -0.26
C GLU A 234 -3.25 7.44 -0.90
N GLY A 235 -2.78 6.51 -0.09
CA GLY A 235 -2.29 5.22 -0.59
C GLY A 235 -1.15 5.30 -1.62
N PRO A 236 -0.12 6.13 -1.39
CA PRO A 236 0.97 6.20 -2.36
C PRO A 236 1.68 4.87 -2.41
N TRP A 237 2.15 4.51 -3.60
CA TRP A 237 2.90 3.28 -3.83
C TRP A 237 4.07 3.63 -4.73
N PHE A 238 5.29 3.54 -4.19
CA PHE A 238 6.47 4.09 -4.84
C PHE A 238 7.39 2.95 -5.29
N TYR A 239 7.84 2.98 -6.54
CA TYR A 239 8.81 2.00 -6.98
C TYR A 239 9.51 2.46 -8.25
N LYS A 240 10.52 1.69 -8.67
CA LYS A 240 11.25 1.95 -9.90
C LYS A 240 11.11 0.73 -10.80
N ARG A 241 10.97 0.95 -12.11
CA ARG A 241 11.00 -0.15 -13.07
C ARG A 241 11.68 0.35 -14.33
N ASN A 242 12.77 -0.30 -14.73
CA ASN A 242 13.49 0.09 -15.97
C ASN A 242 13.76 1.58 -16.07
N ASP A 243 14.41 2.13 -15.07
CA ASP A 243 14.84 3.53 -15.13
C ASP A 243 13.72 4.60 -15.05
N LEU A 244 12.48 4.21 -14.85
CA LEU A 244 11.41 5.14 -14.52
C LEU A 244 10.91 4.86 -13.10
N TYR A 245 10.72 5.94 -12.37
CA TYR A 245 10.08 5.85 -11.04
C TYR A 245 8.59 6.14 -11.14
N TYR A 246 7.83 5.41 -10.31
CA TYR A 246 6.37 5.48 -10.32
C TYR A 246 5.87 5.88 -8.95
N MSE A 247 4.83 6.70 -8.95
CA MSE A 247 4.07 6.96 -7.74
C MSE A 247 2.61 6.67 -8.10
O MSE A 247 1.98 7.43 -8.85
CB MSE A 247 4.21 8.42 -7.33
CG MSE A 247 3.53 8.71 -6.00
SE MSE A 247 4.42 7.86 -4.47
CE MSE A 247 6.18 8.67 -4.70
N VAL A 248 2.10 5.56 -7.59
CA VAL A 248 0.70 5.19 -7.80
C VAL A 248 -0.09 5.59 -6.53
N TYR A 249 -1.35 5.95 -6.66
CA TYR A 249 -2.08 6.43 -5.48
C TYR A 249 -3.58 6.33 -5.67
N ALA A 250 -4.29 6.29 -4.57
CA ALA A 250 -5.73 6.54 -4.59
C ALA A 250 -5.93 8.01 -4.88
N ALA A 251 -6.94 8.32 -5.71
CA ALA A 251 -7.10 9.65 -6.24
C ALA A 251 -8.57 10.09 -6.27
N PHE A 252 -8.80 11.40 -6.33
CA PHE A 252 -10.14 11.97 -6.34
C PHE A 252 -10.28 12.88 -7.55
N GLY A 253 -11.13 12.49 -8.50
CA GLY A 253 -11.30 13.30 -9.70
C GLY A 253 -12.14 14.53 -9.46
N VAL A 254 -12.08 15.46 -10.38
CA VAL A 254 -12.87 16.68 -10.32
C VAL A 254 -14.37 16.34 -10.26
N GLY A 255 -15.05 16.93 -9.28
CA GLY A 255 -16.48 16.68 -9.10
C GLY A 255 -16.84 15.31 -8.56
N LYS A 256 -15.84 14.50 -8.19
CA LYS A 256 -16.11 13.13 -7.74
C LYS A 256 -16.05 12.96 -6.23
N GLN A 257 -16.69 11.90 -5.72
CA GLN A 257 -16.68 11.60 -4.28
C GLN A 257 -15.82 10.39 -3.96
N ASN A 258 -15.89 9.35 -4.79
CA ASN A 258 -15.22 8.08 -4.55
C ASN A 258 -13.80 8.13 -5.11
N GLU A 259 -12.93 7.26 -4.58
CA GLU A 259 -11.55 7.15 -5.04
C GLU A 259 -11.44 6.35 -6.33
N HIS A 260 -10.55 6.79 -7.21
CA HIS A 260 -10.03 5.96 -8.30
C HIS A 260 -8.55 5.71 -8.05
N LEU A 261 -7.88 5.00 -8.95
CA LEU A 261 -6.42 4.82 -8.84
C LEU A 261 -5.76 5.54 -10.00
N ALA A 262 -4.68 6.26 -9.72
CA ALA A 262 -3.95 6.99 -10.73
C ALA A 262 -2.44 6.87 -10.47
N TYR A 263 -1.64 7.38 -11.39
CA TYR A 263 -0.19 7.34 -11.21
C TYR A 263 0.52 8.53 -11.84
N SER A 264 1.73 8.77 -11.33
CA SER A 264 2.64 9.78 -11.82
C SER A 264 4.01 9.11 -11.97
N THR A 265 4.91 9.77 -12.70
CA THR A 265 6.24 9.22 -12.96
C THR A 265 7.33 10.27 -12.80
N SER A 266 8.57 9.82 -12.68
CA SER A 266 9.71 10.72 -12.59
C SER A 266 10.96 9.97 -13.01
N ASP A 267 11.98 10.68 -13.49
CA ASP A 267 13.29 10.12 -13.75
CA ASP A 267 13.24 9.99 -13.72
C ASP A 267 14.14 9.98 -12.48
N SER A 268 13.67 10.58 -11.39
CA SER A 268 14.40 10.59 -10.12
CA SER A 268 14.42 10.54 -10.14
C SER A 268 13.53 10.12 -8.97
N PRO A 269 14.14 9.55 -7.92
CA PRO A 269 13.32 8.97 -6.85
C PRO A 269 12.56 9.99 -6.03
N THR A 270 12.98 11.26 -6.07
CA THR A 270 12.33 12.29 -5.26
C THR A 270 11.69 13.37 -6.13
N GLY A 271 11.50 13.07 -7.40
CA GLY A 271 10.86 14.03 -8.31
C GLY A 271 11.83 14.70 -9.26
N PRO A 272 11.30 15.60 -10.11
CA PRO A 272 9.93 16.08 -10.10
C PRO A 272 8.94 15.04 -10.64
N TRP A 273 7.78 15.01 -10.01
CA TRP A 273 6.71 14.09 -10.38
C TRP A 273 5.85 14.70 -11.47
N LYS A 274 5.50 13.88 -12.46
CA LYS A 274 4.67 14.32 -13.56
CA LYS A 274 4.69 14.30 -13.60
C LYS A 274 3.49 13.38 -13.71
N TYR A 275 2.29 13.96 -13.80
CA TYR A 275 1.07 13.15 -13.88
C TYR A 275 1.12 12.16 -15.02
N GLY A 276 0.70 10.93 -14.75
CA GLY A 276 0.66 9.87 -15.74
C GLY A 276 -0.75 9.72 -16.28
N GLY A 277 -1.64 9.18 -15.47
CA GLY A 277 -3.00 8.96 -15.92
C GLY A 277 -3.77 8.08 -14.97
N VAL A 278 -4.98 7.72 -15.39
CA VAL A 278 -5.82 6.85 -14.60
C VAL A 278 -5.38 5.40 -14.73
N LEU A 279 -5.26 4.72 -13.59
CA LEU A 279 -4.87 3.33 -13.57
C LEU A 279 -6.08 2.41 -13.40
N MSE A 280 -7.08 2.86 -12.65
CA MSE A 280 -8.34 2.10 -12.50
C MSE A 280 -9.44 3.07 -12.12
O MSE A 280 -9.27 3.90 -11.24
CB MSE A 280 -8.20 1.02 -11.43
CG MSE A 280 -9.47 0.22 -11.19
SE MSE A 280 -9.20 -1.26 -9.95
CE MSE A 280 -8.55 -2.58 -11.24
N THR A 281 -10.60 2.95 -12.77
CA THR A 281 -11.71 3.86 -12.50
C THR A 281 -12.46 3.47 -11.24
N GLU A 282 -13.36 4.34 -10.77
CA GLU A 282 -14.15 4.00 -9.59
C GLU A 282 -15.21 2.91 -9.84
N GLU A 283 -15.55 2.66 -11.09
CA GLU A 283 -16.63 1.72 -11.42
CA GLU A 283 -16.62 1.71 -11.43
C GLU A 283 -16.47 0.34 -10.76
N GLY A 284 -17.51 -0.10 -10.06
CA GLY A 284 -17.51 -1.41 -9.43
C GLY A 284 -16.81 -1.46 -8.07
N GLY A 285 -16.35 -0.31 -7.60
CA GLY A 285 -15.68 -0.28 -6.30
C GLY A 285 -16.53 0.22 -5.14
N VAL A 286 -15.87 0.50 -4.02
CA VAL A 286 -16.51 1.14 -2.87
C VAL A 286 -15.82 2.49 -2.72
N PHE A 287 -16.21 3.31 -1.74
CA PHE A 287 -15.64 4.66 -1.58
C PHE A 287 -14.09 4.68 -1.66
N THR A 288 -13.46 3.74 -0.98
CA THR A 288 -12.01 3.62 -1.06
C THR A 288 -11.57 2.63 -2.12
N ASN A 289 -10.41 2.92 -2.72
CA ASN A 289 -9.62 1.88 -3.37
C ASN A 289 -8.17 2.13 -2.95
N HIS A 290 -7.28 1.16 -3.14
CA HIS A 290 -5.94 1.30 -2.58
C HIS A 290 -5.03 0.38 -3.37
N PRO A 291 -3.94 0.92 -3.96
CA PRO A 291 -3.14 0.14 -4.90
C PRO A 291 -1.92 -0.55 -4.31
N GLY A 292 -1.59 -1.73 -4.83
CA GLY A 292 -0.30 -2.33 -4.55
C GLY A 292 0.13 -3.04 -5.82
N ILE A 293 1.37 -2.83 -6.24
CA ILE A 293 1.83 -3.40 -7.50
C ILE A 293 3.03 -4.30 -7.27
N ALA A 294 3.07 -5.44 -7.95
CA ALA A 294 4.25 -6.29 -7.88
C ALA A 294 4.52 -6.97 -9.20
N ASP A 295 5.79 -7.17 -9.51
CA ASP A 295 6.22 -8.11 -10.56
C ASP A 295 6.54 -9.41 -9.86
N PHE A 296 6.06 -10.51 -10.43
CA PHE A 296 6.31 -11.82 -9.86
C PHE A 296 6.53 -12.81 -11.02
N LYS A 297 7.72 -13.39 -11.06
CA LYS A 297 8.06 -14.36 -12.11
C LYS A 297 7.82 -13.82 -13.52
N GLY A 298 8.10 -12.54 -13.73
CA GLY A 298 7.98 -11.94 -15.05
C GLY A 298 6.60 -11.42 -15.43
N HIS A 299 5.66 -11.51 -14.50
CA HIS A 299 4.30 -11.00 -14.70
C HIS A 299 4.09 -9.78 -13.82
N SER A 300 3.16 -8.91 -14.19
CA SER A 300 2.89 -7.70 -13.42
C SER A 300 1.47 -7.71 -12.91
N TYR A 301 1.31 -7.30 -11.64
CA TYR A 301 0.02 -7.37 -10.95
C TYR A 301 -0.36 -6.09 -10.23
N LEU A 302 -1.62 -5.70 -10.37
CA LEU A 302 -2.21 -4.64 -9.56
C LEU A 302 -3.16 -5.27 -8.57
N PHE A 303 -2.84 -5.13 -7.28
CA PHE A 303 -3.76 -5.49 -6.22
C PHE A 303 -4.55 -4.26 -5.84
N TYR A 304 -5.83 -4.47 -5.56
CA TYR A 304 -6.75 -3.39 -5.23
C TYR A 304 -7.82 -3.98 -4.30
N HIS A 305 -8.85 -3.21 -3.96
CA HIS A 305 -9.93 -3.80 -3.18
C HIS A 305 -11.31 -3.35 -3.61
N THR A 306 -12.31 -4.10 -3.15
CA THR A 306 -13.70 -3.83 -3.50
CA THR A 306 -13.71 -3.86 -3.51
C THR A 306 -14.59 -4.25 -2.32
N GLY A 307 -15.91 -4.23 -2.51
CA GLY A 307 -16.80 -4.74 -1.48
C GLY A 307 -17.61 -5.92 -2.00
N ASP A 308 -16.96 -6.80 -2.78
CA ASP A 308 -17.71 -7.81 -3.54
CA ASP A 308 -17.67 -7.83 -3.55
C ASP A 308 -17.97 -9.14 -2.83
N LEU A 309 -17.39 -9.33 -1.63
CA LEU A 309 -17.65 -10.56 -0.87
C LEU A 309 -19.08 -10.58 -0.33
N PRO A 310 -19.63 -11.79 -0.09
CA PRO A 310 -20.92 -11.81 0.60
C PRO A 310 -20.83 -10.99 1.89
N GLY A 311 -21.80 -10.12 2.10
CA GLY A 311 -21.81 -9.25 3.27
C GLY A 311 -20.84 -8.09 3.11
N GLY A 312 -20.33 -7.90 1.90
CA GLY A 312 -19.35 -6.84 1.63
C GLY A 312 -19.97 -5.46 1.61
N SER A 313 -19.15 -4.45 1.92
CA SER A 313 -19.59 -3.07 1.90
C SER A 313 -18.34 -2.20 1.96
N LEU A 314 -18.53 -0.89 2.05
CA LEU A 314 -17.38 0.01 2.14
C LEU A 314 -16.58 -0.23 3.42
N PHE A 315 -17.21 -0.85 4.43
CA PHE A 315 -16.54 -1.15 5.71
C PHE A 315 -16.13 -2.62 5.84
N HIS A 316 -16.47 -3.43 4.83
CA HIS A 316 -16.18 -4.86 4.81
C HIS A 316 -15.67 -5.18 3.42
N ARG A 317 -14.41 -4.83 3.17
CA ARG A 317 -13.82 -4.90 1.85
C ARG A 317 -13.15 -6.24 1.59
N SER A 318 -12.73 -6.43 0.34
CA SER A 318 -12.04 -7.65 -0.07
CA SER A 318 -12.00 -7.63 -0.02
C SER A 318 -10.94 -7.32 -1.08
N VAL A 319 -9.74 -7.84 -0.88
CA VAL A 319 -8.66 -7.61 -1.83
C VAL A 319 -8.80 -8.46 -3.11
N CYS A 320 -8.49 -7.83 -4.24
CA CYS A 320 -8.56 -8.44 -5.56
C CYS A 320 -7.27 -8.19 -6.30
N VAL A 321 -7.03 -8.91 -7.39
CA VAL A 321 -5.81 -8.71 -8.17
C VAL A 321 -6.11 -8.81 -9.67
N ALA A 322 -5.42 -7.99 -10.45
CA ALA A 322 -5.48 -8.02 -11.91
C ALA A 322 -4.08 -8.08 -12.51
N GLU A 323 -3.87 -8.94 -13.50
CA GLU A 323 -2.61 -8.95 -14.22
C GLU A 323 -2.67 -7.85 -15.27
N PHE A 324 -1.54 -7.20 -15.51
CA PHE A 324 -1.47 -6.19 -16.55
C PHE A 324 -0.10 -6.19 -17.21
N THR A 325 0.04 -5.45 -18.30
CA THR A 325 1.34 -5.28 -18.93
C THR A 325 1.61 -3.81 -19.14
N TYR A 326 2.88 -3.44 -19.07
CA TYR A 326 3.32 -2.07 -19.29
C TYR A 326 3.42 -1.78 -20.78
N ASN A 327 3.18 -0.53 -21.15
CA ASN A 327 3.49 -0.09 -22.51
C ASN A 327 5.02 -0.01 -22.70
N GLU A 328 5.48 -0.04 -23.94
CA GLU A 328 6.92 -0.03 -24.21
C GLU A 328 7.62 1.18 -23.60
N ASP A 329 6.94 2.32 -23.55
CA ASP A 329 7.53 3.53 -23.01
C ASP A 329 7.35 3.68 -21.49
N GLY A 330 6.82 2.66 -20.84
CA GLY A 330 6.66 2.67 -19.39
C GLY A 330 5.33 3.19 -18.86
N THR A 331 4.50 3.75 -19.73
CA THR A 331 3.17 4.14 -19.30
C THR A 331 2.31 2.89 -19.11
N ILE A 332 1.17 3.06 -18.44
CA ILE A 332 0.25 1.97 -18.14
C ILE A 332 -1.15 2.38 -18.53
N ASN A 333 -1.81 1.57 -19.35
CA ASN A 333 -3.21 1.86 -19.71
C ASN A 333 -4.15 1.54 -18.54
N PRO A 334 -5.32 2.19 -18.50
CA PRO A 334 -6.25 1.87 -17.43
C PRO A 334 -6.57 0.38 -17.35
N ILE A 335 -6.60 -0.15 -16.13
CA ILE A 335 -6.81 -1.57 -15.89
C ILE A 335 -8.24 -1.80 -15.44
N PRO A 336 -9.01 -2.59 -16.21
CA PRO A 336 -10.36 -2.85 -15.77
C PRO A 336 -10.39 -3.82 -14.60
N LYS A 337 -11.43 -3.75 -13.78
CA LYS A 337 -11.59 -4.74 -12.73
C LYS A 337 -11.71 -6.12 -13.36
N CYS A 338 -11.26 -7.11 -12.61
CA CYS A 338 -10.81 -8.36 -13.16
C CYS A 338 -11.51 -9.52 -12.48
N ASP A 339 -11.90 -10.54 -13.25
CA ASP A 339 -12.54 -11.71 -12.65
C ASP A 339 -11.59 -12.56 -11.82
N GLY A 340 -10.30 -12.56 -12.17
CA GLY A 340 -9.33 -13.40 -11.47
C GLY A 340 -8.06 -13.53 -12.28
N VAL A 341 -7.13 -14.35 -11.79
CA VAL A 341 -5.84 -14.47 -12.49
C VAL A 341 -5.49 -15.92 -12.76
N GLU A 342 -4.63 -16.13 -13.75
CA GLU A 342 -4.13 -17.45 -14.13
C GLU A 342 -2.88 -17.85 -13.34
N LYS A 343 -2.71 -19.15 -13.10
CA LYS A 343 -1.51 -19.68 -12.43
C LYS A 343 -0.25 -19.34 -13.22
N ILE A 344 0.82 -19.04 -12.51
CA ILE A 344 2.10 -18.77 -13.16
C ILE A 344 3.19 -19.72 -12.69
N ASN A 345 4.22 -19.88 -13.52
CA ASN A 345 5.33 -20.77 -13.21
C ASN A 345 6.69 -20.12 -13.44
CA CA B . -0.26 1.13 0.66
C TRS C . -7.46 3.84 4.91
C1 TRS C . -7.23 5.06 5.79
C2 TRS C . -7.97 2.65 5.74
C3 TRS C . -6.14 3.46 4.24
N TRS C . -8.48 4.20 3.90
O1 TRS C . -8.46 5.56 6.27
O2 TRS C . -8.46 1.57 4.94
O3 TRS C . -5.13 3.33 5.23
#